data_7CU9
#
_entry.id   7CU9
#
_cell.length_a   137.495
_cell.length_b   137.495
_cell.length_c   66.249
_cell.angle_alpha   90.000
_cell.angle_beta   90.000
_cell.angle_gamma   90.000
#
_symmetry.space_group_name_H-M   'I 4'
#
loop_
_entity.id
_entity.type
_entity.pdbx_description
1 polymer 'Tube-forming protein in Mycobacterial Envelpe, TiME'
2 non-polymer 'MAGNESIUM ION'
3 non-polymer GLYCEROL
4 water water
#
_entity_poly.entity_id   1
_entity_poly.type   'polypeptide(L)'
_entity_poly.pdbx_seq_one_letter_code
;RPSDPGVVSYAVMPKGSVSNIVGAPIRWESEFTAPFQAFSVDNPVCNNWADIGLPEVFNDPDLASFGGATAQTAAGDATH
LVKQAVGVFATVDAADRAYHRVVDRTVGCAGQTTAMHLDNFHTEVWTFTGGPAGPADADWVKQEAGTDRRCFNTTRKREN
VLLQAKVCQSGNGGPAVNVLAGAMQNTLGQLEHHHHHH
;
_entity_poly.pdbx_strand_id   A,B
#
# COMPACT_ATOMS: atom_id res chain seq x y z
N ARG A 1 5.98 10.88 14.27
CA ARG A 1 6.44 9.56 13.77
C ARG A 1 5.79 9.28 12.42
N PRO A 2 6.39 8.42 11.57
CA PRO A 2 5.78 8.08 10.28
C PRO A 2 4.48 7.29 10.44
N SER A 3 3.62 7.37 9.40
CA SER A 3 2.34 6.64 9.32
C SER A 3 2.58 5.22 8.83
N ASP A 4 1.81 4.28 9.37
CA ASP A 4 1.72 2.90 8.82
C ASP A 4 0.87 2.95 7.56
N PRO A 5 1.05 2.01 6.61
CA PRO A 5 0.29 2.01 5.37
C PRO A 5 -1.23 1.96 5.58
N GLY A 6 -1.67 1.36 6.68
CA GLY A 6 -3.11 1.19 6.98
C GLY A 6 -3.86 2.51 7.11
N VAL A 7 -3.18 3.63 7.32
CA VAL A 7 -3.89 4.91 7.62
C VAL A 7 -4.76 5.32 6.43
N VAL A 8 -4.46 4.86 5.20
CA VAL A 8 -5.23 5.29 4.00
C VAL A 8 -6.70 4.85 4.14
N SER A 9 -6.97 3.78 4.88
CA SER A 9 -8.34 3.22 5.09
C SER A 9 -9.19 4.14 5.96
N TYR A 10 -8.55 5.10 6.65
N TYR A 10 -8.62 5.13 6.66
CA TYR A 10 -9.15 6.02 7.66
CA TYR A 10 -9.43 6.07 7.47
C TYR A 10 -9.04 7.49 7.24
C TYR A 10 -8.96 7.51 7.35
N ALA A 11 -8.05 7.84 6.41
CA ALA A 11 -7.67 9.24 6.10
C ALA A 11 -8.60 9.82 5.04
N VAL A 12 -9.34 8.98 4.31
CA VAL A 12 -10.30 9.43 3.26
C VAL A 12 -11.68 9.60 3.91
N MET A 13 -12.19 10.83 3.93
CA MET A 13 -13.47 11.16 4.58
C MET A 13 -14.61 10.63 3.71
N PRO A 14 -15.61 9.95 4.31
CA PRO A 14 -16.75 9.45 3.56
C PRO A 14 -17.72 10.57 3.18
N LYS A 15 -18.66 10.31 2.28
CA LYS A 15 -19.54 11.35 1.70
C LYS A 15 -20.29 12.11 2.80
N GLY A 16 -20.71 11.43 3.87
CA GLY A 16 -21.42 12.08 4.98
C GLY A 16 -20.58 13.16 5.62
N SER A 17 -19.31 12.87 5.87
CA SER A 17 -18.34 13.81 6.45
C SER A 17 -18.09 14.94 5.45
N VAL A 18 -17.96 14.60 4.17
CA VAL A 18 -17.73 15.61 3.11
C VAL A 18 -18.92 16.58 3.07
N SER A 19 -20.15 16.06 3.11
CA SER A 19 -21.38 16.89 3.17
C SER A 19 -21.29 17.87 4.35
N ASN A 20 -20.87 17.38 5.52
CA ASN A 20 -20.79 18.19 6.76
C ASN A 20 -19.72 19.27 6.61
N ILE A 21 -18.70 19.05 5.78
CA ILE A 21 -17.59 20.02 5.57
C ILE A 21 -18.00 21.07 4.53
N VAL A 22 -18.59 20.68 3.40
CA VAL A 22 -18.90 21.65 2.31
C VAL A 22 -20.21 22.41 2.61
N GLY A 23 -21.06 21.88 3.49
CA GLY A 23 -22.36 22.52 3.80
C GLY A 23 -23.36 22.35 2.66
N ALA A 24 -23.37 21.18 2.04
CA ALA A 24 -24.29 20.87 0.91
C ALA A 24 -24.51 19.37 0.88
N PRO A 25 -25.64 18.90 0.31
CA PRO A 25 -25.86 17.47 0.14
C PRO A 25 -24.77 16.83 -0.74
N ILE A 26 -24.24 15.70 -0.29
CA ILE A 26 -23.25 14.88 -1.04
C ILE A 26 -23.73 13.44 -0.96
N ARG A 27 -24.50 12.99 -1.95
CA ARG A 27 -25.25 11.71 -1.85
C ARG A 27 -24.53 10.59 -2.63
N TRP A 28 -23.46 10.91 -3.35
CA TRP A 28 -22.77 9.93 -4.24
C TRP A 28 -21.27 9.96 -3.94
N GLU A 29 -20.64 8.78 -3.87
CA GLU A 29 -19.16 8.72 -3.90
C GLU A 29 -18.69 7.44 -4.58
N SER A 30 -17.47 7.50 -5.07
CA SER A 30 -16.72 6.37 -5.69
C SER A 30 -15.32 6.35 -5.09
N GLU A 31 -14.98 5.26 -4.39
CA GLU A 31 -13.64 5.07 -3.80
C GLU A 31 -12.70 4.49 -4.87
N PHE A 32 -11.41 4.80 -4.77
CA PHE A 32 -10.36 4.21 -5.63
C PHE A 32 -9.15 3.85 -4.77
N THR A 33 -8.41 2.84 -5.20
CA THR A 33 -7.31 2.22 -4.43
C THR A 33 -5.99 2.31 -5.19
N ALA A 34 -5.97 3.00 -6.32
CA ALA A 34 -4.74 3.19 -7.13
C ALA A 34 -4.78 4.57 -7.77
N PRO A 35 -3.61 5.25 -7.89
CA PRO A 35 -3.54 6.51 -8.60
C PRO A 35 -4.09 6.31 -10.02
N PHE A 36 -4.72 7.34 -10.57
CA PHE A 36 -5.21 7.30 -11.97
C PHE A 36 -5.23 8.70 -12.54
N GLN A 37 -5.07 8.78 -13.85
CA GLN A 37 -5.20 10.04 -14.62
C GLN A 37 -6.15 9.75 -15.78
N ALA A 38 -7.29 10.43 -15.80
CA ALA A 38 -8.39 10.15 -16.74
C ALA A 38 -8.49 11.28 -17.79
N PHE A 39 -7.38 11.92 -18.11
CA PHE A 39 -7.35 13.07 -19.05
C PHE A 39 -5.94 13.24 -19.61
N SER A 40 -5.84 14.02 -20.67
CA SER A 40 -4.59 14.62 -21.20
C SER A 40 -4.78 16.13 -21.27
N VAL A 41 -3.76 16.90 -20.94
CA VAL A 41 -3.83 18.39 -21.02
C VAL A 41 -2.89 18.85 -22.13
N ASP A 42 -3.26 19.93 -22.83
CA ASP A 42 -2.46 20.45 -23.97
C ASP A 42 -1.14 21.02 -23.47
N ASN A 43 -1.19 21.82 -22.39
CA ASN A 43 0.02 22.45 -21.82
C ASN A 43 0.60 21.51 -20.76
N PRO A 44 1.77 20.87 -21.01
CA PRO A 44 2.29 19.86 -20.10
C PRO A 44 2.59 20.36 -18.68
N VAL A 45 2.93 21.64 -18.53
CA VAL A 45 3.31 22.21 -17.20
C VAL A 45 2.09 22.18 -16.28
N CYS A 46 0.88 22.06 -16.80
CA CYS A 46 -0.36 22.08 -15.97
C CYS A 46 -0.82 20.67 -15.60
N ASN A 47 -0.13 19.61 -16.05
CA ASN A 47 -0.59 18.22 -15.81
C ASN A 47 -0.86 18.01 -14.31
N ASN A 48 0.08 18.37 -13.45
CA ASN A 48 0.04 17.96 -12.02
C ASN A 48 -0.75 18.98 -11.20
N TRP A 49 -1.36 19.98 -11.85
CA TRP A 49 -2.40 20.86 -11.23
C TRP A 49 -3.80 20.48 -11.75
N ALA A 50 -3.91 19.77 -12.86
CA ALA A 50 -5.21 19.55 -13.55
C ALA A 50 -6.10 18.58 -12.78
N ASP A 51 -5.52 17.74 -11.94
CA ASP A 51 -6.28 16.88 -11.00
C ASP A 51 -5.32 16.40 -9.92
N ILE A 52 -5.85 15.63 -8.97
CA ILE A 52 -5.08 15.06 -7.84
C ILE A 52 -5.12 13.53 -7.94
N GLY A 53 -4.28 12.86 -7.15
CA GLY A 53 -4.20 11.38 -7.13
C GLY A 53 -3.59 10.84 -8.41
N LEU A 54 -2.64 11.55 -9.03
CA LEU A 54 -2.11 11.21 -10.37
C LEU A 54 -1.01 10.16 -10.26
N PRO A 55 -0.94 9.20 -11.21
CA PRO A 55 0.14 8.22 -11.25
C PRO A 55 1.55 8.82 -11.28
N GLU A 56 1.80 9.87 -12.07
CA GLU A 56 3.19 10.39 -12.18
C GLU A 56 3.60 10.99 -10.84
N VAL A 57 2.65 11.43 -10.01
CA VAL A 57 2.97 11.96 -8.66
C VAL A 57 3.18 10.79 -7.70
N PHE A 58 2.20 9.89 -7.59
CA PHE A 58 2.15 8.88 -6.50
C PHE A 58 2.88 7.58 -6.85
N ASN A 59 2.74 7.07 -8.07
CA ASN A 59 3.33 5.74 -8.39
C ASN A 59 4.85 5.85 -8.25
N ASP A 60 5.43 4.89 -7.54
CA ASP A 60 6.83 4.98 -7.09
C ASP A 60 7.22 3.65 -6.47
N PRO A 61 8.49 3.20 -6.59
CA PRO A 61 8.92 2.00 -5.88
C PRO A 61 8.59 2.02 -4.39
N ASP A 62 8.54 3.21 -3.77
CA ASP A 62 8.37 3.35 -2.31
C ASP A 62 6.93 3.75 -1.95
N LEU A 63 5.98 3.71 -2.88
CA LEU A 63 4.54 3.88 -2.52
C LEU A 63 4.07 2.62 -1.81
N ALA A 64 3.78 2.72 -0.51
CA ALA A 64 3.37 1.57 0.33
C ALA A 64 1.86 1.33 0.18
N SER A 65 1.06 2.40 0.22
CA SER A 65 -0.41 2.30 0.16
C SER A 65 -0.98 3.58 -0.42
N PHE A 66 -2.21 3.47 -0.90
CA PHE A 66 -2.87 4.60 -1.57
C PHE A 66 -4.37 4.37 -1.51
N GLY A 67 -5.10 5.44 -1.20
CA GLY A 67 -6.57 5.45 -1.27
C GLY A 67 -7.08 6.83 -1.60
N GLY A 68 -8.26 6.87 -2.21
CA GLY A 68 -8.91 8.16 -2.50
C GLY A 68 -10.39 7.97 -2.70
N ALA A 69 -11.09 9.07 -2.91
CA ALA A 69 -12.53 9.03 -3.22
C ALA A 69 -12.88 10.28 -4.02
N THR A 70 -13.89 10.16 -4.87
CA THR A 70 -14.59 11.30 -5.49
C THR A 70 -16.03 11.28 -4.98
N ALA A 71 -16.52 12.41 -4.48
CA ALA A 71 -17.88 12.54 -3.94
C ALA A 71 -18.57 13.70 -4.64
N GLN A 72 -19.88 13.59 -4.85
CA GLN A 72 -20.68 14.55 -5.64
C GLN A 72 -22.04 14.75 -5.01
N THR A 73 -22.69 15.85 -5.35
CA THR A 73 -24.10 16.14 -5.04
C THR A 73 -24.93 14.85 -5.17
N ALA A 74 -24.86 14.21 -6.34
CA ALA A 74 -25.61 12.97 -6.62
C ALA A 74 -24.97 12.28 -7.82
N ALA A 75 -25.39 11.03 -8.08
CA ALA A 75 -25.06 10.36 -9.35
C ALA A 75 -25.49 11.28 -10.49
N GLY A 76 -24.58 11.58 -11.41
CA GLY A 76 -24.84 12.44 -12.59
C GLY A 76 -24.81 13.93 -12.28
N ASP A 77 -24.57 14.33 -11.02
CA ASP A 77 -24.64 15.76 -10.60
C ASP A 77 -23.38 16.14 -9.81
N ALA A 78 -22.48 16.89 -10.44
CA ALA A 78 -21.21 17.34 -9.82
C ALA A 78 -21.30 18.80 -9.38
N THR A 79 -22.51 19.34 -9.13
CA THR A 79 -22.68 20.76 -8.72
C THR A 79 -21.67 21.06 -7.61
N HIS A 80 -21.63 20.19 -6.60
CA HIS A 80 -20.49 20.08 -5.66
C HIS A 80 -19.73 18.79 -6.00
N LEU A 81 -18.41 18.89 -6.14
CA LEU A 81 -17.54 17.71 -6.35
C LEU A 81 -16.33 17.85 -5.42
N VAL A 82 -16.01 16.77 -4.72
CA VAL A 82 -14.90 16.76 -3.73
C VAL A 82 -14.07 15.52 -4.00
N LYS A 83 -12.76 15.68 -4.08
CA LYS A 83 -11.84 14.54 -4.34
C LYS A 83 -10.75 14.55 -3.26
N GLN A 84 -10.32 13.36 -2.88
CA GLN A 84 -9.27 13.11 -1.87
C GLN A 84 -8.32 12.06 -2.41
N ALA A 85 -7.03 12.20 -2.11
CA ALA A 85 -6.00 11.19 -2.46
C ALA A 85 -4.99 11.18 -1.32
N VAL A 86 -4.67 9.99 -0.81
CA VAL A 86 -3.70 9.84 0.29
C VAL A 86 -2.73 8.73 -0.09
N GLY A 87 -1.44 9.03 -0.08
CA GLY A 87 -0.36 8.06 -0.34
C GLY A 87 0.54 7.95 0.87
N VAL A 88 0.81 6.72 1.30
CA VAL A 88 1.80 6.45 2.36
C VAL A 88 3.04 5.87 1.69
N PHE A 89 4.19 6.49 1.91
CA PHE A 89 5.48 6.06 1.32
C PHE A 89 6.32 5.34 2.39
N ALA A 90 7.21 4.47 1.93
CA ALA A 90 8.09 3.66 2.81
C ALA A 90 9.08 4.56 3.55
N THR A 91 9.41 5.72 2.98
CA THR A 91 10.38 6.67 3.58
C THR A 91 9.86 8.10 3.48
N VAL A 92 10.33 8.95 4.36
CA VAL A 92 10.01 10.41 4.36
CA VAL A 92 9.97 10.40 4.35
C VAL A 92 10.55 11.02 3.06
N ASP A 93 11.75 10.62 2.64
CA ASP A 93 12.40 11.11 1.40
C ASP A 93 11.52 10.82 0.18
N ALA A 94 10.91 9.64 0.10
CA ALA A 94 10.06 9.24 -1.04
C ALA A 94 8.81 10.14 -1.07
N ALA A 95 8.21 10.43 0.09
CA ALA A 95 7.05 11.35 0.16
C ALA A 95 7.50 12.75 -0.31
N ASP A 96 8.70 13.18 0.06
CA ASP A 96 9.22 14.51 -0.38
C ASP A 96 9.40 14.51 -1.90
N ARG A 97 9.94 13.44 -2.48
CA ARG A 97 10.11 13.37 -3.96
C ARG A 97 8.73 13.44 -4.63
N ALA A 98 7.72 12.76 -4.08
CA ALA A 98 6.36 12.77 -4.64
C ALA A 98 5.80 14.21 -4.58
N TYR A 99 5.99 14.87 -3.44
CA TYR A 99 5.56 16.28 -3.26
C TYR A 99 6.20 17.15 -4.35
N HIS A 100 7.50 16.95 -4.59
CA HIS A 100 8.26 17.74 -5.60
C HIS A 100 7.85 17.39 -7.02
N ARG A 101 7.31 16.19 -7.26
CA ARG A 101 6.75 15.89 -8.61
C ARG A 101 5.50 16.75 -8.84
N VAL A 102 4.76 17.10 -7.78
CA VAL A 102 3.62 18.06 -7.93
C VAL A 102 4.19 19.45 -8.20
N VAL A 103 5.06 19.95 -7.32
CA VAL A 103 5.33 21.41 -7.23
C VAL A 103 6.46 21.80 -8.20
N ASP A 104 7.41 20.92 -8.51
CA ASP A 104 8.51 21.27 -9.46
C ASP A 104 7.97 21.32 -10.88
N ARG A 105 7.05 20.42 -11.23
CA ARG A 105 6.67 20.16 -12.65
C ARG A 105 5.56 21.10 -13.10
N THR A 106 5.04 21.93 -12.19
CA THR A 106 3.91 22.85 -12.46
C THR A 106 4.37 24.31 -12.38
N VAL A 107 5.67 24.56 -12.25
CA VAL A 107 6.21 25.96 -12.30
C VAL A 107 5.94 26.47 -13.72
N GLY A 108 5.16 27.55 -13.85
CA GLY A 108 4.76 28.10 -15.15
C GLY A 108 3.29 27.83 -15.48
N CYS A 109 2.62 26.96 -14.73
CA CYS A 109 1.17 26.68 -14.96
C CYS A 109 0.33 27.89 -14.56
N ALA A 110 0.68 28.58 -13.47
CA ALA A 110 -0.09 29.75 -12.98
C ALA A 110 -0.22 30.78 -14.10
N GLY A 111 -1.46 31.20 -14.38
CA GLY A 111 -1.79 32.21 -15.41
C GLY A 111 -2.11 31.57 -16.76
N GLN A 112 -1.97 30.24 -16.89
CA GLN A 112 -2.20 29.54 -18.17
C GLN A 112 -3.64 29.06 -18.27
N THR A 113 -4.19 29.11 -19.48
CA THR A 113 -5.49 28.50 -19.86
C THR A 113 -5.15 27.35 -20.81
N THR A 114 -5.71 26.16 -20.57
CA THR A 114 -5.39 24.98 -21.41
C THR A 114 -6.60 24.05 -21.47
N ALA A 115 -6.69 23.27 -22.55
CA ALA A 115 -7.74 22.27 -22.76
C ALA A 115 -7.36 20.97 -22.03
N MET A 116 -8.32 20.41 -21.30
CA MET A 116 -8.27 19.05 -20.70
C MET A 116 -9.12 18.14 -21.59
N HIS A 117 -8.49 17.19 -22.25
CA HIS A 117 -9.17 16.16 -23.06
C HIS A 117 -9.44 14.96 -22.15
N LEU A 118 -10.70 14.81 -21.71
CA LEU A 118 -11.08 13.73 -20.78
C LEU A 118 -11.14 12.41 -21.56
N ASP A 119 -10.87 11.31 -20.89
CA ASP A 119 -10.83 9.97 -21.54
C ASP A 119 -12.23 9.56 -22.01
N ASN A 120 -13.29 10.23 -21.53
CA ASN A 120 -14.69 9.98 -21.96
C ASN A 120 -15.03 10.79 -23.21
N PHE A 121 -14.05 11.45 -23.84
CA PHE A 121 -14.17 12.20 -25.13
C PHE A 121 -14.95 13.50 -24.95
N HIS A 122 -15.06 13.99 -23.72
CA HIS A 122 -15.40 15.41 -23.42
C HIS A 122 -14.11 16.23 -23.39
N THR A 123 -14.20 17.50 -23.77
CA THR A 123 -13.09 18.48 -23.66
C THR A 123 -13.57 19.63 -22.78
N GLU A 124 -12.75 19.99 -21.79
CA GLU A 124 -12.98 21.16 -20.92
C GLU A 124 -11.81 22.12 -21.09
N VAL A 125 -12.03 23.41 -20.81
CA VAL A 125 -10.97 24.44 -20.82
C VAL A 125 -10.89 25.04 -19.41
N TRP A 126 -9.70 25.06 -18.82
CA TRP A 126 -9.46 25.52 -17.45
C TRP A 126 -8.37 26.58 -17.44
N THR A 127 -8.53 27.56 -16.55
CA THR A 127 -7.51 28.62 -16.26
C THR A 127 -6.97 28.36 -14.86
N PHE A 128 -5.65 28.29 -14.74
CA PHE A 128 -4.94 27.93 -13.51
C PHE A 128 -4.36 29.19 -12.86
N THR A 129 -4.48 29.25 -11.54
CA THR A 129 -3.83 30.29 -10.69
C THR A 129 -3.24 29.62 -9.45
N GLY A 130 -2.16 30.17 -8.93
CA GLY A 130 -1.59 29.70 -7.66
C GLY A 130 -0.29 30.40 -7.37
N GLY A 131 -0.04 30.70 -6.10
CA GLY A 131 1.22 31.27 -5.64
C GLY A 131 2.31 30.19 -5.61
N PRO A 132 3.55 30.57 -5.27
CA PRO A 132 4.62 29.59 -5.09
C PRO A 132 4.26 28.55 -4.02
N ALA A 133 4.64 27.30 -4.27
CA ALA A 133 4.48 26.18 -3.32
C ALA A 133 5.43 26.41 -2.14
N GLY A 134 5.04 25.96 -0.94
CA GLY A 134 5.88 25.93 0.25
C GLY A 134 6.72 24.66 0.30
N PRO A 135 7.55 24.49 1.35
CA PRO A 135 8.33 23.26 1.51
C PRO A 135 7.49 21.97 1.62
N ALA A 136 6.26 22.06 2.14
CA ALA A 136 5.43 20.86 2.41
C ALA A 136 3.94 21.14 2.20
N ASP A 137 3.59 22.28 1.60
CA ASP A 137 2.18 22.74 1.44
C ASP A 137 2.09 23.51 0.13
N ALA A 138 1.17 23.13 -0.74
CA ALA A 138 0.95 23.81 -2.04
C ALA A 138 -0.56 23.93 -2.29
N ASP A 139 -1.00 25.14 -2.65
CA ASP A 139 -2.40 25.42 -2.99
C ASP A 139 -2.45 25.92 -4.43
N TRP A 140 -3.52 25.62 -5.15
CA TRP A 140 -3.78 26.23 -6.47
C TRP A 140 -5.27 26.13 -6.77
N VAL A 141 -5.69 26.87 -7.80
CA VAL A 141 -7.11 26.95 -8.21
C VAL A 141 -7.18 26.76 -9.72
N LYS A 142 -8.20 26.07 -10.20
CA LYS A 142 -8.51 26.10 -11.65
C LYS A 142 -9.97 26.55 -11.81
N GLN A 143 -10.21 27.35 -12.84
CA GLN A 143 -11.56 27.89 -13.15
C GLN A 143 -11.97 27.43 -14.55
N GLU A 144 -13.18 26.91 -14.68
CA GLU A 144 -13.68 26.44 -16.00
C GLU A 144 -14.07 27.65 -16.85
N ALA A 145 -13.56 27.71 -18.07
CA ALA A 145 -13.76 28.85 -19.01
C ALA A 145 -15.25 29.14 -19.17
N GLY A 146 -15.63 30.42 -19.03
CA GLY A 146 -16.99 30.90 -19.24
C GLY A 146 -17.95 30.51 -18.12
N THR A 147 -17.41 30.06 -16.98
CA THR A 147 -18.22 29.68 -15.79
C THR A 147 -17.64 30.34 -14.54
N ASP A 148 -18.40 30.27 -13.44
CA ASP A 148 -17.94 30.65 -12.10
C ASP A 148 -17.55 29.39 -11.32
N ARG A 149 -17.31 28.27 -12.01
CA ARG A 149 -16.91 27.00 -11.34
C ARG A 149 -15.39 27.04 -11.10
N ARG A 150 -14.99 26.95 -9.83
CA ARG A 150 -13.55 26.88 -9.46
C ARG A 150 -13.33 25.64 -8.61
N CYS A 151 -12.20 24.97 -8.86
CA CYS A 151 -11.70 23.84 -8.05
C CYS A 151 -10.54 24.37 -7.21
N PHE A 152 -10.69 24.35 -5.88
CA PHE A 152 -9.64 24.73 -4.92
C PHE A 152 -8.90 23.45 -4.52
N ASN A 153 -7.59 23.44 -4.72
CA ASN A 153 -6.72 22.26 -4.52
C ASN A 153 -5.72 22.55 -3.41
N THR A 154 -5.43 21.53 -2.60
CA THR A 154 -4.33 21.62 -1.62
C THR A 154 -3.57 20.30 -1.61
N THR A 155 -2.24 20.41 -1.51
CA THR A 155 -1.31 19.27 -1.41
C THR A 155 -0.50 19.44 -0.12
N ARG A 156 -0.44 18.39 0.70
CA ARG A 156 0.20 18.41 2.04
C ARG A 156 1.17 17.24 2.13
N LYS A 157 2.43 17.51 2.46
CA LYS A 157 3.46 16.48 2.73
C LYS A 157 3.66 16.45 4.24
N ARG A 158 3.38 15.31 4.87
CA ARG A 158 3.48 15.16 6.35
C ARG A 158 4.24 13.86 6.62
N GLU A 159 5.49 13.98 7.06
CA GLU A 159 6.40 12.82 7.27
C GLU A 159 6.44 11.98 5.99
N ASN A 160 5.96 10.75 6.03
CA ASN A 160 6.01 9.81 4.87
C ASN A 160 4.67 9.79 4.12
N VAL A 161 3.82 10.79 4.33
CA VAL A 161 2.48 10.84 3.68
C VAL A 161 2.40 12.02 2.73
N LEU A 162 1.86 11.80 1.54
CA LEU A 162 1.42 12.91 0.65
C LEU A 162 -0.10 12.82 0.53
N LEU A 163 -0.80 13.89 0.88
CA LEU A 163 -2.26 13.88 0.66
C LEU A 163 -2.67 15.11 -0.14
N GLN A 164 -3.77 14.94 -0.85
CA GLN A 164 -4.33 16.00 -1.71
C GLN A 164 -5.83 16.03 -1.52
N ALA A 165 -6.40 17.22 -1.63
CA ALA A 165 -7.85 17.42 -1.60
C ALA A 165 -8.21 18.48 -2.63
N LYS A 166 -9.41 18.34 -3.20
CA LYS A 166 -9.95 19.25 -4.22
C LYS A 166 -11.44 19.45 -3.93
N VAL A 167 -11.86 20.71 -3.85
CA VAL A 167 -13.30 21.06 -3.72
C VAL A 167 -13.70 21.92 -4.92
N CYS A 168 -14.65 21.44 -5.71
CA CYS A 168 -15.14 22.12 -6.93
C CYS A 168 -16.57 22.60 -6.70
N GLN A 169 -16.86 23.85 -7.06
CA GLN A 169 -18.18 24.48 -6.87
C GLN A 169 -18.11 25.87 -7.48
N SER A 170 -19.28 26.51 -7.65
CA SER A 170 -19.34 27.98 -7.81
C SER A 170 -18.91 28.62 -6.48
N GLY A 171 -18.76 29.94 -6.44
CA GLY A 171 -18.29 30.62 -5.22
C GLY A 171 -16.89 30.14 -4.86
N ASN A 172 -16.66 29.82 -3.59
CA ASN A 172 -15.28 29.63 -3.06
C ASN A 172 -15.22 28.32 -2.27
N GLY A 173 -14.65 27.27 -2.86
CA GLY A 173 -14.44 25.98 -2.18
C GLY A 173 -13.18 25.96 -1.33
N GLY A 174 -12.46 27.07 -1.22
CA GLY A 174 -11.19 27.15 -0.47
C GLY A 174 -11.36 26.83 1.02
N PRO A 175 -12.30 27.49 1.74
CA PRO A 175 -12.51 27.16 3.15
C PRO A 175 -12.75 25.66 3.36
N ALA A 176 -13.64 25.06 2.56
CA ALA A 176 -13.98 23.62 2.67
C ALA A 176 -12.73 22.76 2.41
N VAL A 177 -11.94 23.06 1.39
CA VAL A 177 -10.76 22.19 1.08
C VAL A 177 -9.78 22.25 2.26
N ASN A 178 -9.66 23.40 2.93
CA ASN A 178 -8.75 23.55 4.08
C ASN A 178 -9.29 22.77 5.26
N VAL A 179 -10.59 22.87 5.53
CA VAL A 179 -11.23 22.08 6.63
C VAL A 179 -11.02 20.59 6.31
N LEU A 180 -11.23 20.18 5.06
CA LEU A 180 -11.14 18.75 4.65
C LEU A 180 -9.69 18.27 4.82
N ALA A 181 -8.71 19.00 4.31
CA ALA A 181 -7.28 18.60 4.42
C ALA A 181 -6.90 18.48 5.90
N GLY A 182 -7.40 19.40 6.75
CA GLY A 182 -7.18 19.32 8.19
C GLY A 182 -7.73 18.02 8.76
N ALA A 183 -8.95 17.64 8.39
CA ALA A 183 -9.64 16.42 8.87
C ALA A 183 -8.84 15.19 8.43
N MET A 184 -8.32 15.20 7.20
CA MET A 184 -7.52 14.06 6.66
C MET A 184 -6.22 13.95 7.48
N GLN A 185 -5.54 15.06 7.69
CA GLN A 185 -4.24 15.10 8.42
C GLN A 185 -4.44 14.57 9.86
N ASN A 186 -5.60 14.85 10.45
CA ASN A 186 -5.86 14.53 11.89
C ASN A 186 -5.90 13.02 12.11
N THR A 187 -6.01 12.22 11.04
CA THR A 187 -6.10 10.72 11.11
C THR A 187 -4.73 10.05 10.98
N LEU A 188 -3.64 10.77 10.73
CA LEU A 188 -2.38 10.16 10.22
C LEU A 188 -1.56 9.47 11.32
N GLY A 189 -1.90 9.71 12.59
CA GLY A 189 -1.24 9.06 13.75
C GLY A 189 0.24 9.42 13.85
N GLN A 190 0.61 10.63 13.47
CA GLN A 190 2.03 11.09 13.44
C GLN A 190 2.36 11.86 14.72
N LEU A 191 1.33 12.33 15.43
CA LEU A 191 1.42 13.22 16.64
CA LEU A 191 1.45 13.19 16.64
C LEU A 191 2.37 14.39 16.33
N ARG B 1 9.46 -16.52 26.76
CA ARG B 1 8.83 -17.84 27.06
C ARG B 1 8.44 -18.49 25.74
N PRO B 2 8.66 -19.82 25.56
CA PRO B 2 8.15 -20.52 24.40
C PRO B 2 6.62 -20.48 24.29
N SER B 3 6.12 -20.58 23.06
CA SER B 3 4.67 -20.63 22.74
C SER B 3 4.14 -22.04 22.90
N ASP B 4 2.93 -22.17 23.43
CA ASP B 4 2.17 -23.44 23.36
C ASP B 4 1.76 -23.65 21.90
N PRO B 5 1.57 -24.91 21.47
CA PRO B 5 1.17 -25.18 20.08
C PRO B 5 -0.14 -24.49 19.67
N GLY B 6 -1.02 -24.23 20.63
CA GLY B 6 -2.34 -23.64 20.40
C GLY B 6 -2.28 -22.25 19.78
N VAL B 7 -1.14 -21.55 19.84
CA VAL B 7 -1.08 -20.13 19.38
C VAL B 7 -1.34 -20.07 17.87
N VAL B 8 -1.12 -21.14 17.11
CA VAL B 8 -1.30 -21.09 15.62
C VAL B 8 -2.77 -20.83 15.31
N SER B 9 -3.69 -21.18 16.23
CA SER B 9 -5.15 -20.98 16.08
C SER B 9 -5.52 -19.50 16.05
N TYR B 10 -4.65 -18.58 16.48
N TYR B 10 -4.60 -18.60 16.44
CA TYR B 10 -4.94 -17.12 16.47
CA TYR B 10 -4.87 -17.15 16.61
C TYR B 10 -3.71 -16.26 16.11
C TYR B 10 -3.74 -16.27 16.05
N ALA B 11 -2.62 -16.86 15.61
CA ALA B 11 -1.42 -16.11 15.16
C ALA B 11 -1.55 -15.69 13.69
N VAL B 12 -2.48 -16.29 12.95
CA VAL B 12 -2.69 -15.97 11.50
C VAL B 12 -3.78 -14.90 11.40
N MET B 13 -3.42 -13.72 10.90
CA MET B 13 -4.35 -12.56 10.82
C MET B 13 -5.39 -12.85 9.74
N PRO B 14 -6.69 -12.68 10.04
CA PRO B 14 -7.75 -12.87 9.05
C PRO B 14 -7.78 -11.72 8.03
N LYS B 15 -8.52 -11.90 6.94
CA LYS B 15 -8.52 -10.95 5.79
C LYS B 15 -8.87 -9.53 6.28
N GLY B 16 -9.79 -9.38 7.23
CA GLY B 16 -10.17 -8.06 7.79
C GLY B 16 -8.96 -7.33 8.38
N SER B 17 -8.16 -8.04 9.17
CA SER B 17 -6.93 -7.50 9.80
C SER B 17 -5.88 -7.21 8.71
N VAL B 18 -5.73 -8.11 7.75
CA VAL B 18 -4.77 -7.93 6.63
C VAL B 18 -5.15 -6.66 5.86
N SER B 19 -6.44 -6.46 5.58
CA SER B 19 -6.94 -5.24 4.89
C SER B 19 -6.55 -3.99 5.67
N ASN B 20 -6.73 -4.00 7.00
CA ASN B 20 -6.38 -2.86 7.89
C ASN B 20 -4.87 -2.58 7.83
N ILE B 21 -4.05 -3.62 7.66
CA ILE B 21 -2.57 -3.49 7.68
C ILE B 21 -2.05 -2.96 6.34
N VAL B 22 -2.53 -3.48 5.20
CA VAL B 22 -2.02 -3.08 3.86
C VAL B 22 -2.71 -1.79 3.39
N GLY B 23 -3.85 -1.43 3.99
CA GLY B 23 -4.62 -0.23 3.60
C GLY B 23 -5.26 -0.39 2.23
N ALA B 24 -5.88 -1.54 1.99
CA ALA B 24 -6.61 -1.85 0.73
C ALA B 24 -7.61 -2.96 0.99
N PRO B 25 -8.66 -3.07 0.16
CA PRO B 25 -9.64 -4.16 0.31
C PRO B 25 -8.97 -5.54 0.15
N ILE B 26 -9.30 -6.46 1.05
CA ILE B 26 -8.86 -7.88 1.00
C ILE B 26 -10.11 -8.72 1.27
N ARG B 27 -10.79 -9.16 0.22
CA ARG B 27 -12.14 -9.76 0.32
C ARG B 27 -12.06 -11.30 0.22
N TRP B 28 -10.90 -11.85 -0.12
CA TRP B 28 -10.72 -13.31 -0.35
C TRP B 28 -9.61 -13.85 0.56
N GLU B 29 -9.83 -15.02 1.16
CA GLU B 29 -8.73 -15.75 1.85
C GLU B 29 -8.98 -17.24 1.84
N SER B 30 -7.90 -18.00 1.94
CA SER B 30 -7.87 -19.48 2.03
C SER B 30 -6.88 -19.86 3.13
N GLU B 31 -7.37 -20.50 4.19
CA GLU B 31 -6.53 -20.96 5.33
C GLU B 31 -5.96 -22.34 4.98
N PHE B 32 -4.78 -22.67 5.52
CA PHE B 32 -4.17 -24.01 5.38
C PHE B 32 -3.56 -24.43 6.72
N THR B 33 -3.49 -25.74 6.94
CA THR B 33 -3.09 -26.36 8.23
C THR B 33 -1.87 -27.26 8.05
N ALA B 34 -1.28 -27.27 6.85
CA ALA B 34 -0.08 -28.07 6.54
C ALA B 34 0.80 -27.27 5.60
N PRO B 35 2.14 -27.35 5.75
CA PRO B 35 3.05 -26.77 4.77
C PRO B 35 2.77 -27.36 3.38
N PHE B 36 2.99 -26.57 2.35
CA PHE B 36 2.81 -27.02 0.95
C PHE B 36 3.75 -26.25 0.03
N GLN B 37 4.15 -26.89 -1.06
CA GLN B 37 4.92 -26.24 -2.14
C GLN B 37 4.20 -26.49 -3.46
N ALA B 38 3.68 -25.44 -4.07
CA ALA B 38 2.82 -25.48 -5.27
C ALA B 38 3.59 -24.97 -6.50
N PHE B 39 4.89 -25.23 -6.55
CA PHE B 39 5.79 -24.77 -7.64
C PHE B 39 7.10 -25.55 -7.64
N SER B 40 7.84 -25.46 -8.75
CA SER B 40 9.28 -25.73 -8.83
C SER B 40 9.99 -24.48 -9.35
N VAL B 41 11.26 -24.32 -9.01
CA VAL B 41 12.12 -23.20 -9.49
C VAL B 41 13.28 -23.82 -10.29
N ASP B 42 13.72 -23.17 -11.36
CA ASP B 42 14.85 -23.68 -12.19
C ASP B 42 16.14 -23.66 -11.36
N ASN B 43 16.38 -22.58 -10.63
CA ASN B 43 17.60 -22.42 -9.81
C ASN B 43 17.31 -22.86 -8.38
N PRO B 44 17.83 -24.03 -7.92
CA PRO B 44 17.40 -24.61 -6.65
C PRO B 44 17.74 -23.75 -5.41
N VAL B 45 18.75 -22.88 -5.48
CA VAL B 45 19.15 -22.03 -4.32
C VAL B 45 18.07 -21.00 -4.02
N CYS B 46 17.12 -20.77 -4.94
CA CYS B 46 16.03 -19.78 -4.72
C CYS B 46 14.75 -20.46 -4.22
N ASN B 47 14.75 -21.78 -4.04
CA ASN B 47 13.53 -22.52 -3.63
C ASN B 47 12.93 -21.89 -2.36
N ASN B 48 13.74 -21.68 -1.32
CA ASN B 48 13.20 -21.29 0.01
C ASN B 48 13.05 -19.78 0.11
N TRP B 49 13.26 -19.03 -0.97
CA TRP B 49 12.87 -17.61 -1.10
C TRP B 49 11.64 -17.46 -2.01
N ALA B 50 11.34 -18.46 -2.85
CA ALA B 50 10.31 -18.37 -3.90
C ALA B 50 8.90 -18.31 -3.29
N ASP B 51 8.72 -18.87 -2.10
CA ASP B 51 7.44 -18.75 -1.35
C ASP B 51 7.72 -19.08 0.11
N ILE B 52 6.70 -18.96 0.95
CA ILE B 52 6.75 -19.24 2.41
C ILE B 52 5.84 -20.42 2.73
N GLY B 53 5.96 -20.95 3.96
CA GLY B 53 5.18 -22.11 4.43
C GLY B 53 5.55 -23.40 3.73
N LEU B 54 6.82 -23.59 3.40
CA LEU B 54 7.28 -24.74 2.57
C LEU B 54 7.50 -25.98 3.43
N PRO B 55 7.16 -27.18 2.90
CA PRO B 55 7.43 -28.43 3.60
C PRO B 55 8.89 -28.65 4.01
N GLU B 56 9.86 -28.32 3.15
CA GLU B 56 11.28 -28.63 3.46
C GLU B 56 11.74 -27.75 4.63
N VAL B 57 11.10 -26.61 4.82
CA VAL B 57 11.41 -25.69 5.94
C VAL B 57 10.72 -26.20 7.22
N PHE B 58 9.40 -26.40 7.19
CA PHE B 58 8.59 -26.59 8.42
C PHE B 58 8.48 -28.06 8.83
N ASN B 59 8.29 -28.98 7.88
CA ASN B 59 8.07 -30.41 8.24
C ASN B 59 9.31 -30.93 8.96
N ASP B 60 9.09 -31.57 10.11
CA ASP B 60 10.18 -31.90 11.06
C ASP B 60 9.60 -32.77 12.16
N PRO B 61 10.38 -33.70 12.74
CA PRO B 61 9.90 -34.47 13.88
C PRO B 61 9.40 -33.58 15.02
N ASP B 62 9.93 -32.37 15.16
CA ASP B 62 9.61 -31.48 16.31
C ASP B 62 8.63 -30.37 15.92
N LEU B 63 8.01 -30.44 14.74
CA LEU B 63 6.90 -29.50 14.41
C LEU B 63 5.66 -29.91 15.22
N ALA B 64 5.24 -29.06 16.15
CA ALA B 64 4.09 -29.34 17.04
C ALA B 64 2.79 -28.88 16.37
N SER B 65 2.78 -27.71 15.75
CA SER B 65 1.57 -27.16 15.12
C SER B 65 1.96 -26.20 13.99
N PHE B 66 1.03 -26.00 13.08
CA PHE B 66 1.27 -25.20 11.86
C PHE B 66 -0.05 -24.67 11.34
N GLY B 67 -0.04 -23.41 10.93
CA GLY B 67 -1.18 -22.77 10.27
C GLY B 67 -0.72 -21.65 9.38
N GLY B 68 -1.52 -21.34 8.37
CA GLY B 68 -1.24 -20.21 7.49
C GLY B 68 -2.48 -19.75 6.78
N ALA B 69 -2.35 -18.71 5.98
CA ALA B 69 -3.42 -18.25 5.09
C ALA B 69 -2.81 -17.51 3.92
N THR B 70 -3.52 -17.54 2.79
CA THR B 70 -3.29 -16.64 1.65
C THR B 70 -4.53 -15.76 1.51
N ALA B 71 -4.34 -14.45 1.34
CA ALA B 71 -5.45 -13.48 1.21
C ALA B 71 -5.18 -12.60 0.00
N GLN B 72 -6.23 -12.16 -0.69
CA GLN B 72 -6.13 -11.38 -1.94
C GLN B 72 -7.24 -10.31 -1.97
N THR B 73 -7.05 -9.30 -2.81
CA THR B 73 -8.08 -8.28 -3.15
C THR B 73 -9.44 -8.98 -3.30
N ALA B 74 -9.52 -9.98 -4.16
CA ALA B 74 -10.74 -10.76 -4.47
C ALA B 74 -10.37 -12.10 -5.11
N ALA B 75 -11.35 -12.98 -5.33
CA ALA B 75 -11.18 -14.39 -5.77
C ALA B 75 -10.21 -14.49 -6.96
N GLY B 76 -10.40 -13.68 -8.01
CA GLY B 76 -9.58 -13.73 -9.23
C GLY B 76 -8.70 -12.51 -9.39
N ASP B 77 -8.39 -11.84 -8.28
CA ASP B 77 -7.71 -10.52 -8.27
C ASP B 77 -6.65 -10.51 -7.17
N ALA B 78 -5.37 -10.64 -7.55
CA ALA B 78 -4.23 -10.67 -6.61
C ALA B 78 -3.50 -9.32 -6.61
N THR B 79 -4.19 -8.22 -6.92
CA THR B 79 -3.58 -6.86 -6.93
C THR B 79 -2.78 -6.68 -5.64
N HIS B 80 -3.41 -6.97 -4.50
CA HIS B 80 -2.72 -7.21 -3.20
C HIS B 80 -2.84 -8.71 -2.92
N LEU B 81 -1.72 -9.37 -2.64
CA LEU B 81 -1.69 -10.77 -2.15
C LEU B 81 -0.83 -10.80 -0.89
N VAL B 82 -1.34 -11.45 0.16
CA VAL B 82 -0.66 -11.52 1.48
C VAL B 82 -0.68 -12.97 1.93
N LYS B 83 0.46 -13.49 2.33
CA LYS B 83 0.55 -14.89 2.82
C LYS B 83 1.22 -14.88 4.19
N GLN B 84 0.78 -15.80 5.04
CA GLN B 84 1.30 -15.99 6.42
C GLN B 84 1.52 -17.48 6.65
N ALA B 85 2.58 -17.83 7.39
CA ALA B 85 2.83 -19.20 7.85
C ALA B 85 3.41 -19.13 9.25
N VAL B 86 2.87 -19.94 10.17
CA VAL B 86 3.34 -19.98 11.58
C VAL B 86 3.54 -21.44 11.95
N GLY B 87 4.75 -21.78 12.38
CA GLY B 87 5.10 -23.11 12.89
C GLY B 87 5.54 -23.03 14.33
N VAL B 88 4.93 -23.84 15.20
CA VAL B 88 5.38 -23.98 16.61
C VAL B 88 6.12 -25.30 16.73
N PHE B 89 7.35 -25.25 17.23
CA PHE B 89 8.21 -26.44 17.40
C PHE B 89 8.27 -26.82 18.88
N ALA B 90 8.58 -28.08 19.16
CA ALA B 90 8.66 -28.60 20.54
C ALA B 90 9.81 -27.91 21.30
N THR B 91 10.85 -27.45 20.60
CA THR B 91 12.05 -26.86 21.22
C THR B 91 12.48 -25.61 20.46
N VAL B 92 13.16 -24.71 21.17
CA VAL B 92 13.75 -23.48 20.55
C VAL B 92 14.81 -23.91 19.52
N ASP B 93 15.59 -24.95 19.80
CA ASP B 93 16.62 -25.42 18.84
C ASP B 93 15.96 -25.94 17.54
N ALA B 94 14.80 -26.60 17.62
CA ALA B 94 14.11 -27.11 16.41
C ALA B 94 13.63 -25.91 15.56
N ALA B 95 13.15 -24.85 16.20
CA ALA B 95 12.77 -23.61 15.49
C ALA B 95 14.01 -23.01 14.82
N ASP B 96 15.17 -23.03 15.50
CA ASP B 96 16.43 -22.50 14.94
C ASP B 96 16.82 -23.32 13.70
N ARG B 97 16.68 -24.65 13.75
CA ARG B 97 17.04 -25.51 12.59
C ARG B 97 16.11 -25.16 11.42
N ALA B 98 14.82 -24.94 11.68
CA ALA B 98 13.86 -24.57 10.62
C ALA B 98 14.24 -23.22 10.03
N TYR B 99 14.59 -22.25 10.87
CA TYR B 99 15.09 -20.92 10.42
C TYR B 99 16.28 -21.12 9.48
N HIS B 100 17.20 -22.00 9.85
CA HIS B 100 18.44 -22.24 9.06
C HIS B 100 18.14 -23.01 7.78
N ARG B 101 17.05 -23.78 7.71
CA ARG B 101 16.66 -24.41 6.42
C ARG B 101 16.22 -23.32 5.44
N VAL B 102 15.69 -22.19 5.91
CA VAL B 102 15.41 -21.03 5.03
C VAL B 102 16.75 -20.38 4.63
N VAL B 103 17.54 -19.94 5.60
CA VAL B 103 18.65 -18.98 5.35
C VAL B 103 19.89 -19.70 4.82
N ASP B 104 20.17 -20.93 5.23
CA ASP B 104 21.39 -21.66 4.78
C ASP B 104 21.23 -22.06 3.30
N ARG B 105 20.01 -22.41 2.87
CA ARG B 105 19.79 -23.08 1.57
C ARG B 105 19.56 -22.05 0.45
N THR B 106 19.52 -20.76 0.80
CA THR B 106 19.25 -19.66 -0.16
C THR B 106 20.46 -18.74 -0.32
N VAL B 107 21.61 -19.10 0.24
CA VAL B 107 22.87 -18.35 -0.01
C VAL B 107 23.18 -18.49 -1.50
N GLY B 108 23.26 -17.36 -2.21
CA GLY B 108 23.47 -17.32 -3.67
C GLY B 108 22.22 -16.95 -4.45
N CYS B 109 21.04 -16.91 -3.80
CA CYS B 109 19.79 -16.56 -4.50
C CYS B 109 19.78 -15.06 -4.82
N ALA B 110 20.26 -14.21 -3.91
CA ALA B 110 20.30 -12.74 -4.10
C ALA B 110 21.02 -12.45 -5.42
N GLY B 111 20.38 -11.68 -6.30
CA GLY B 111 20.96 -11.28 -7.59
C GLY B 111 20.55 -12.20 -8.72
N GLN B 112 19.84 -13.31 -8.43
CA GLN B 112 19.42 -14.30 -9.44
C GLN B 112 18.01 -14.00 -9.95
N THR B 113 17.80 -14.21 -11.24
CA THR B 113 16.49 -14.28 -11.90
C THR B 113 16.27 -15.75 -12.28
N THR B 114 15.10 -16.29 -11.98
CA THR B 114 14.80 -17.72 -12.27
C THR B 114 13.30 -17.88 -12.55
N ALA B 115 12.96 -18.95 -13.27
CA ALA B 115 11.57 -19.29 -13.63
C ALA B 115 10.95 -20.13 -12.51
N MET B 116 9.72 -19.77 -12.15
CA MET B 116 8.85 -20.55 -11.24
C MET B 116 7.80 -21.26 -12.09
N HIS B 117 7.75 -22.59 -12.01
CA HIS B 117 6.74 -23.43 -12.70
C HIS B 117 5.63 -23.75 -11.70
N LEU B 118 4.44 -23.16 -11.88
CA LEU B 118 3.30 -23.28 -10.94
C LEU B 118 2.50 -24.55 -11.26
N ASP B 119 1.88 -25.15 -10.24
CA ASP B 119 1.07 -26.38 -10.34
C ASP B 119 -0.06 -26.17 -11.37
N ASN B 120 -0.57 -24.94 -11.48
CA ASN B 120 -1.67 -24.56 -12.41
C ASN B 120 -1.14 -24.45 -13.85
N PHE B 121 0.14 -24.76 -14.08
CA PHE B 121 0.79 -24.94 -15.41
C PHE B 121 1.31 -23.61 -15.97
N HIS B 122 1.12 -22.51 -15.24
CA HIS B 122 1.67 -21.17 -15.59
C HIS B 122 3.16 -21.14 -15.23
N THR B 123 3.93 -20.30 -15.93
CA THR B 123 5.35 -19.99 -15.62
C THR B 123 5.45 -18.50 -15.27
N GLU B 124 6.18 -18.18 -14.20
CA GLU B 124 6.49 -16.78 -13.81
C GLU B 124 8.01 -16.65 -13.71
N VAL B 125 8.55 -15.48 -14.04
CA VAL B 125 10.01 -15.19 -13.91
C VAL B 125 10.16 -14.15 -12.81
N TRP B 126 10.98 -14.46 -11.80
CA TRP B 126 11.18 -13.61 -10.59
C TRP B 126 12.66 -13.30 -10.43
N THR B 127 12.94 -12.06 -10.04
CA THR B 127 14.29 -11.56 -9.69
C THR B 127 14.36 -11.39 -8.17
N PHE B 128 15.34 -12.05 -7.54
CA PHE B 128 15.49 -12.10 -6.07
C PHE B 128 16.57 -11.13 -5.62
N THR B 129 16.29 -10.40 -4.54
CA THR B 129 17.26 -9.52 -3.85
C THR B 129 17.11 -9.69 -2.35
N GLY B 130 18.18 -9.50 -1.59
CA GLY B 130 18.14 -9.54 -0.13
C GLY B 130 19.53 -9.54 0.46
N GLY B 131 19.70 -8.85 1.58
CA GLY B 131 20.96 -8.81 2.34
C GLY B 131 21.16 -10.13 3.07
N PRO B 132 22.33 -10.31 3.74
CA PRO B 132 22.56 -11.51 4.55
C PRO B 132 21.52 -11.60 5.67
N ALA B 133 21.09 -12.83 5.97
CA ALA B 133 20.15 -13.13 7.08
C ALA B 133 20.79 -12.72 8.41
N GLY B 134 19.97 -12.24 9.33
CA GLY B 134 20.36 -12.02 10.74
C GLY B 134 20.29 -13.34 11.53
N PRO B 135 20.61 -13.30 12.84
CA PRO B 135 20.51 -14.49 13.69
C PRO B 135 19.10 -15.08 13.77
N ALA B 136 18.06 -14.23 13.70
CA ALA B 136 16.66 -14.65 13.93
C ALA B 136 15.69 -13.87 13.03
N ASP B 137 16.20 -13.16 12.03
CA ASP B 137 15.39 -12.32 11.11
C ASP B 137 16.03 -12.38 9.73
N ALA B 138 15.28 -12.80 8.72
CA ALA B 138 15.74 -12.86 7.31
C ALA B 138 14.67 -12.22 6.43
N ASP B 139 15.05 -11.19 5.67
CA ASP B 139 14.14 -10.47 4.76
C ASP B 139 14.66 -10.64 3.34
N TRP B 140 13.76 -10.66 2.37
CA TRP B 140 14.14 -10.66 0.95
C TRP B 140 12.97 -10.17 0.12
N VAL B 141 13.25 -9.86 -1.14
CA VAL B 141 12.25 -9.34 -2.10
C VAL B 141 12.37 -10.18 -3.38
N LYS B 142 11.24 -10.45 -4.01
CA LYS B 142 11.23 -10.98 -5.41
C LYS B 142 10.39 -10.03 -6.25
N GLN B 143 10.86 -9.74 -7.45
CA GLN B 143 10.19 -8.84 -8.41
C GLN B 143 9.85 -9.64 -9.66
N GLU B 144 8.60 -9.53 -10.13
CA GLU B 144 8.16 -10.27 -11.33
C GLU B 144 8.71 -9.55 -12.56
N ALA B 145 9.40 -10.27 -13.43
CA ALA B 145 10.11 -9.73 -14.61
C ALA B 145 9.12 -8.91 -15.46
N GLY B 146 9.54 -7.71 -15.87
CA GLY B 146 8.78 -6.82 -16.75
C GLY B 146 7.62 -6.13 -16.06
N THR B 147 7.56 -6.17 -14.72
CA THR B 147 6.47 -5.55 -13.92
C THR B 147 7.08 -4.76 -12.76
N ASP B 148 6.24 -3.96 -12.09
CA ASP B 148 6.61 -3.28 -10.82
C ASP B 148 6.05 -4.07 -9.64
N ARG B 149 5.67 -5.33 -9.85
CA ARG B 149 5.13 -6.18 -8.76
C ARG B 149 6.28 -6.77 -7.95
N ARG B 150 6.32 -6.48 -6.65
CA ARG B 150 7.34 -7.00 -5.73
C ARG B 150 6.66 -7.66 -4.54
N CYS B 151 7.20 -8.79 -4.11
CA CYS B 151 6.79 -9.50 -2.89
C CYS B 151 7.88 -9.26 -1.84
N PHE B 152 7.52 -8.57 -0.75
CA PHE B 152 8.40 -8.36 0.42
C PHE B 152 8.14 -9.49 1.42
N ASN B 153 9.21 -10.19 1.80
CA ASN B 153 9.14 -11.39 2.64
C ASN B 153 9.90 -11.12 3.94
N THR B 154 9.40 -11.63 5.05
CA THR B 154 10.13 -11.63 6.34
C THR B 154 9.97 -13.01 6.98
N THR B 155 11.08 -13.55 7.48
CA THR B 155 11.14 -14.81 8.23
C THR B 155 11.70 -14.50 9.61
N ARG B 156 10.98 -14.89 10.66
CA ARG B 156 11.38 -14.50 12.03
C ARG B 156 11.31 -15.71 12.93
N LYS B 157 12.39 -15.95 13.65
CA LYS B 157 12.52 -17.02 14.65
C LYS B 157 12.34 -16.37 16.02
N ARG B 158 11.33 -16.81 16.78
CA ARG B 158 11.01 -16.24 18.10
C ARG B 158 10.79 -17.42 19.05
N GLU B 159 11.73 -17.64 19.98
CA GLU B 159 11.70 -18.80 20.89
C GLU B 159 11.56 -20.07 20.04
N ASN B 160 10.45 -20.80 20.18
CA ASN B 160 10.21 -22.09 19.49
C ASN B 160 9.29 -21.89 18.28
N VAL B 161 9.14 -20.66 17.79
CA VAL B 161 8.23 -20.37 16.65
C VAL B 161 9.05 -19.88 15.46
N LEU B 162 8.73 -20.40 14.27
CA LEU B 162 9.17 -19.78 13.00
C LEU B 162 7.93 -19.19 12.34
N LEU B 163 7.96 -17.89 12.08
CA LEU B 163 6.85 -17.26 11.33
C LEU B 163 7.39 -16.64 10.04
N GLN B 164 6.54 -16.63 9.04
CA GLN B 164 6.88 -16.02 7.73
C GLN B 164 5.67 -15.20 7.30
N ALA B 165 5.93 -14.07 6.66
CA ALA B 165 4.88 -13.25 6.03
C ALA B 165 5.41 -12.71 4.71
N LYS B 166 4.50 -12.53 3.77
CA LYS B 166 4.79 -12.08 2.40
C LYS B 166 3.69 -11.11 2.00
N VAL B 167 4.06 -9.92 1.55
CA VAL B 167 3.11 -8.91 1.00
C VAL B 167 3.54 -8.62 -0.44
N CYS B 168 2.66 -8.91 -1.39
CA CYS B 168 2.87 -8.75 -2.85
C CYS B 168 2.00 -7.61 -3.35
N GLN B 169 2.57 -6.70 -4.12
CA GLN B 169 1.88 -5.50 -4.64
C GLN B 169 2.84 -4.72 -5.52
N SER B 170 2.33 -3.77 -6.28
CA SER B 170 3.17 -2.69 -6.84
C SER B 170 3.69 -1.84 -5.68
N GLY B 171 4.57 -0.88 -5.96
CA GLY B 171 5.19 -0.06 -4.92
C GLY B 171 5.93 -0.91 -3.91
N ASN B 172 5.73 -0.66 -2.62
CA ASN B 172 6.59 -1.23 -1.54
C ASN B 172 5.73 -1.88 -0.46
N GLY B 173 5.66 -3.22 -0.47
CA GLY B 173 4.93 -3.99 0.55
C GLY B 173 5.74 -4.18 1.83
N GLY B 174 6.95 -3.62 1.91
CA GLY B 174 7.86 -3.80 3.06
C GLY B 174 7.26 -3.28 4.36
N PRO B 175 6.79 -2.01 4.43
CA PRO B 175 6.19 -1.51 5.66
C PRO B 175 5.04 -2.41 6.15
N ALA B 176 4.16 -2.85 5.24
CA ALA B 176 3.00 -3.70 5.60
C ALA B 176 3.48 -5.06 6.12
N VAL B 177 4.49 -5.67 5.49
CA VAL B 177 4.90 -7.04 5.92
C VAL B 177 5.51 -6.93 7.33
N ASN B 178 6.14 -5.81 7.65
CA ASN B 178 6.73 -5.59 9.01
CA ASN B 178 6.74 -5.58 9.00
C ASN B 178 5.60 -5.40 10.03
N VAL B 179 4.57 -4.62 9.69
CA VAL B 179 3.40 -4.46 10.61
C VAL B 179 2.76 -5.82 10.82
N LEU B 180 2.57 -6.59 9.74
CA LEU B 180 1.89 -7.91 9.77
C LEU B 180 2.70 -8.87 10.66
N ALA B 181 4.01 -9.00 10.42
CA ALA B 181 4.87 -9.89 11.23
C ALA B 181 4.80 -9.48 12.71
N GLY B 182 4.76 -8.18 12.99
CA GLY B 182 4.59 -7.65 14.35
C GLY B 182 3.28 -8.13 14.97
N ALA B 183 2.18 -8.02 14.21
CA ALA B 183 0.82 -8.43 14.67
C ALA B 183 0.81 -9.93 14.97
N MET B 184 1.45 -10.73 14.12
CA MET B 184 1.54 -12.20 14.30
C MET B 184 2.31 -12.49 15.59
N GLN B 185 3.46 -11.83 15.78
CA GLN B 185 4.32 -12.08 16.97
C GLN B 185 3.55 -11.69 18.24
N ASN B 186 2.72 -10.65 18.17
CA ASN B 186 1.99 -10.11 19.36
C ASN B 186 1.02 -11.15 19.92
N THR B 187 0.67 -12.21 19.17
CA THR B 187 -0.29 -13.26 19.60
C THR B 187 0.42 -14.47 20.24
N LEU B 188 1.75 -14.51 20.25
CA LEU B 188 2.48 -15.79 20.52
C LEU B 188 2.64 -16.04 22.03
N GLY B 189 2.30 -15.07 22.87
CA GLY B 189 2.35 -15.21 24.34
C GLY B 189 3.76 -15.43 24.86
N GLN B 190 4.77 -14.80 24.24
CA GLN B 190 6.19 -15.10 24.56
C GLN B 190 6.80 -14.13 25.58
N LEU B 191 6.11 -13.03 25.92
N LEU B 191 6.10 -13.03 25.92
CA LEU B 191 6.58 -12.09 26.97
CA LEU B 191 6.51 -12.11 27.02
C LEU B 191 6.98 -12.92 28.20
C LEU B 191 6.98 -12.95 28.20
N GLU B 192 8.22 -12.74 28.67
CA GLU B 192 8.93 -13.69 29.58
C GLU B 192 8.18 -13.87 30.91
N HIS B 193 7.63 -12.79 31.48
CA HIS B 193 6.96 -12.78 32.81
C HIS B 193 5.52 -12.28 32.68
#